data_1B51
#
_entry.id   1B51
#
_cell.length_a   110.164
_cell.length_b   76.063
_cell.length_c   70.406
_cell.angle_alpha   90.00
_cell.angle_beta   90.00
_cell.angle_gamma   90.00
#
_symmetry.space_group_name_H-M   'P 21 21 21'
#
loop_
_entity.id
_entity.type
_entity.pdbx_description
1 polymer 'PROTEIN (OLIGO-PEPTIDE BINDING PROTEIN)'
2 polymer 'PROTEIN (LYS-SER-LYS)'
3 non-polymer 'URANYL (VI) ION'
4 water water
#
loop_
_entity_poly.entity_id
_entity_poly.type
_entity_poly.pdbx_seq_one_letter_code
_entity_poly.pdbx_strand_id
1 'polypeptide(L)'
;ADVPAGVQLADKQTLVRNNGSEVQSLDPHKIEGVPESNVSRDLFEGLLISDVEGHPSPGVAEKWENKDFKVWTFHLRENA
KWSDGTPVTAHDFVYSWQRLADPNTASPYASYLQYGHIANIDDIIAGKKPATDLGVKALDDHTFEVTLSEPVPYFYKLLV
HPSVSPVPKSAVEKFGDKWTQPANIVTNGAYKLKNWVVNERIVLERNPQYWDNAKTVINQVTYLPISSEVTDVNRYRSGE
IDMTYNNMPIELFQKLKKEIPNEVRVDPYLCTYYYEINNQKAPFNDVRVRTALKLALDRDIIVNKVKNQGDLPAYSYTPP
YTDGAKLVEPEWFKWSQQKRNEEAKKLLAEAGFTADKPLTFDLLYNTSDLHKKLAIAVASIWKKNLGVNVNLENQEWKTF
LDTRHQGTFDVARAGWCADYNEPTSFLNTMLSDSSNNTAHYKSPAFDKLIADTLKVADDTQRSELYAKAEQQLDKDSAIV
PVYYYVNARLVKPWVGGYTGKDPLDNIYVKNLYIIKH
;
A
2 'polypeptide(L)' KSK B
#
# COMPACT_ATOMS: atom_id res chain seq x y z
N ALA A 1 1.34 24.02 -0.78
CA ALA A 1 0.08 24.19 -0.01
C ALA A 1 -0.65 25.44 -0.52
N ASP A 2 -1.97 25.39 -0.45
CA ASP A 2 -2.78 26.54 -0.83
C ASP A 2 -3.45 27.07 0.43
N VAL A 3 -2.87 28.04 1.10
CA VAL A 3 -3.44 28.56 2.37
C VAL A 3 -4.63 29.48 2.11
N PRO A 4 -5.80 29.15 2.62
CA PRO A 4 -7.01 29.95 2.39
C PRO A 4 -6.87 31.39 2.82
N ALA A 5 -7.44 32.31 2.05
CA ALA A 5 -7.39 33.73 2.38
C ALA A 5 -7.80 33.93 3.84
N GLY A 6 -7.09 34.74 4.61
CA GLY A 6 -7.51 34.96 5.97
C GLY A 6 -7.10 33.96 7.02
N VAL A 7 -6.48 32.82 6.70
CA VAL A 7 -6.07 31.95 7.81
C VAL A 7 -4.77 32.58 8.34
N GLN A 8 -4.58 32.53 9.65
CA GLN A 8 -3.38 33.06 10.24
C GLN A 8 -2.38 31.90 10.40
N LEU A 9 -1.20 32.00 9.81
CA LEU A 9 -0.23 30.93 9.99
C LEU A 9 0.54 31.05 11.29
N ALA A 10 0.90 29.90 11.84
CA ALA A 10 1.76 29.81 13.01
C ALA A 10 3.14 30.31 12.59
N ASP A 11 3.85 30.89 13.57
CA ASP A 11 5.21 31.34 13.35
C ASP A 11 6.12 30.15 13.01
N LYS A 12 5.96 29.08 13.76
CA LYS A 12 6.74 27.87 13.59
C LYS A 12 5.96 26.86 12.75
N GLN A 13 6.51 26.60 11.56
CA GLN A 13 5.87 25.65 10.62
C GLN A 13 6.55 24.31 10.68
N THR A 14 6.24 23.58 11.76
CA THR A 14 6.81 22.23 11.96
C THR A 14 5.71 21.23 12.25
N LEU A 15 5.91 19.98 11.85
CA LEU A 15 4.89 18.95 11.98
C LEU A 15 5.50 17.67 12.51
N VAL A 16 4.77 16.95 13.36
CA VAL A 16 5.23 15.63 13.83
C VAL A 16 4.12 14.63 13.50
N ARG A 17 4.47 13.63 12.71
CA ARG A 17 3.52 12.59 12.31
C ARG A 17 3.94 11.23 12.82
N ASN A 18 2.99 10.39 13.32
CA ASN A 18 3.43 9.05 13.67
C ASN A 18 3.30 8.22 12.36
N ASN A 19 4.18 7.26 12.16
CA ASN A 19 4.25 6.58 10.86
C ASN A 19 4.17 5.07 11.00
N GLY A 20 3.69 4.61 12.16
CA GLY A 20 3.39 3.21 12.39
C GLY A 20 4.51 2.26 12.68
N SER A 21 5.66 2.38 12.04
CA SER A 21 6.76 1.47 12.26
C SER A 21 8.04 2.07 11.67
N GLU A 22 9.13 1.38 11.94
CA GLU A 22 10.41 1.72 11.33
C GLU A 22 10.30 1.33 9.85
N VAL A 23 10.70 2.19 8.91
CA VAL A 23 10.56 1.86 7.51
C VAL A 23 11.48 0.72 7.10
N GLN A 24 11.10 0.05 6.02
CA GLN A 24 11.96 -0.98 5.44
C GLN A 24 13.24 -0.33 4.92
N SER A 25 13.05 0.84 4.28
CA SER A 25 14.19 1.48 3.57
C SER A 25 13.73 2.86 3.12
N LEU A 26 14.63 3.69 2.63
CA LEU A 26 14.27 4.96 2.02
C LEU A 26 14.52 4.89 0.51
N ASP A 27 14.97 3.72 0.03
CA ASP A 27 15.21 3.51 -1.40
C ASP A 27 13.89 3.11 -2.03
N PRO A 28 13.38 3.92 -2.95
CA PRO A 28 12.10 3.67 -3.60
C PRO A 28 11.98 2.30 -4.23
N HIS A 29 13.11 1.68 -4.63
CA HIS A 29 13.03 0.36 -5.26
C HIS A 29 13.10 -0.76 -4.23
N LYS A 30 13.23 -0.43 -2.94
CA LYS A 30 13.28 -1.53 -1.98
C LYS A 30 12.09 -1.47 -1.01
N ILE A 31 11.00 -0.77 -1.34
CA ILE A 31 9.91 -0.64 -0.35
C ILE A 31 8.58 -1.12 -0.90
N GLU A 32 7.66 -1.50 0.04
CA GLU A 32 6.32 -1.85 -0.42
C GLU A 32 5.20 -1.42 0.50
N GLY A 33 5.50 -0.83 1.65
CA GLY A 33 4.39 -0.51 2.58
C GLY A 33 4.00 0.94 2.70
N VAL A 34 2.90 1.13 3.46
CA VAL A 34 2.36 2.47 3.73
C VAL A 34 3.32 3.35 4.47
N PRO A 35 3.95 2.93 5.55
CA PRO A 35 4.90 3.77 6.28
C PRO A 35 6.04 4.21 5.37
N GLU A 36 6.48 3.27 4.52
CA GLU A 36 7.58 3.57 3.60
C GLU A 36 7.16 4.62 2.57
N SER A 37 5.95 4.42 2.03
CA SER A 37 5.49 5.33 0.97
C SER A 37 5.22 6.70 1.53
N ASN A 38 4.80 6.78 2.81
CA ASN A 38 4.53 8.05 3.44
C ASN A 38 5.75 8.96 3.45
N VAL A 39 6.91 8.41 3.80
CA VAL A 39 8.14 9.21 3.77
C VAL A 39 8.53 9.38 2.30
N SER A 40 8.44 8.35 1.46
CA SER A 40 8.87 8.49 0.05
C SER A 40 8.22 9.65 -0.69
N ARG A 41 6.93 9.90 -0.46
CA ARG A 41 6.25 11.00 -1.16
C ARG A 41 6.85 12.36 -0.86
N ASP A 42 7.40 12.60 0.34
CA ASP A 42 8.01 13.90 0.64
C ASP A 42 9.42 14.02 0.04
N LEU A 43 10.10 12.89 -0.19
CA LEU A 43 11.47 12.95 -0.68
C LEU A 43 11.68 12.76 -2.18
N PHE A 44 10.94 11.86 -2.82
CA PHE A 44 11.14 11.53 -4.22
C PHE A 44 9.85 11.77 -5.01
N GLU A 45 10.00 12.53 -6.11
CA GLU A 45 8.86 12.86 -6.96
C GLU A 45 8.98 12.29 -8.36
N GLY A 46 7.93 11.56 -8.74
CA GLY A 46 7.86 10.92 -10.05
C GLY A 46 7.21 11.80 -11.11
N LEU A 47 6.76 11.16 -12.20
CA LEU A 47 6.20 11.89 -13.33
C LEU A 47 4.94 12.65 -12.91
N LEU A 48 4.05 11.96 -12.23
CA LEU A 48 2.80 12.57 -11.74
C LEU A 48 2.74 12.44 -10.21
N ILE A 49 1.90 13.26 -9.58
CA ILE A 49 1.70 13.16 -8.12
C ILE A 49 0.17 13.26 -7.91
N SER A 50 -0.34 12.93 -6.72
CA SER A 50 -1.74 13.13 -6.41
C SER A 50 -1.92 14.58 -5.93
N ASP A 51 -3.01 15.25 -6.28
CA ASP A 51 -3.23 16.57 -5.66
C ASP A 51 -3.76 16.32 -4.26
N VAL A 52 -4.24 17.36 -3.57
CA VAL A 52 -4.78 17.23 -2.23
C VAL A 52 -6.04 16.42 -2.12
N GLU A 53 -6.75 16.09 -3.19
CA GLU A 53 -7.96 15.30 -3.15
C GLU A 53 -7.68 13.93 -3.77
N GLY A 54 -6.42 13.72 -4.16
CA GLY A 54 -6.02 12.44 -4.72
C GLY A 54 -6.05 12.32 -6.23
N HIS A 55 -6.42 13.35 -7.00
CA HIS A 55 -6.42 13.19 -8.45
C HIS A 55 -4.99 13.18 -9.00
N PRO A 56 -4.71 12.29 -9.94
CA PRO A 56 -3.41 12.25 -10.61
C PRO A 56 -3.14 13.61 -11.22
N SER A 57 -1.99 14.20 -11.04
CA SER A 57 -1.70 15.57 -11.47
C SER A 57 -0.21 15.68 -11.78
N PRO A 58 0.16 16.81 -12.38
CA PRO A 58 1.55 17.00 -12.79
C PRO A 58 2.55 16.88 -11.67
N GLY A 59 3.60 16.09 -11.92
CA GLY A 59 4.70 15.99 -10.93
C GLY A 59 5.94 16.55 -11.65
N VAL A 60 6.95 15.72 -11.92
CA VAL A 60 8.10 16.22 -12.72
C VAL A 60 7.61 16.48 -14.14
N ALA A 61 6.67 15.68 -14.63
CA ALA A 61 6.06 15.91 -15.94
C ALA A 61 4.99 16.99 -15.86
N GLU A 62 5.15 18.08 -16.63
CA GLU A 62 4.13 19.14 -16.61
C GLU A 62 3.01 18.84 -17.60
N LYS A 63 3.26 18.05 -18.64
CA LYS A 63 2.16 17.68 -19.54
C LYS A 63 2.50 16.37 -20.24
N TRP A 64 1.51 15.67 -20.76
CA TRP A 64 1.76 14.35 -21.36
C TRP A 64 0.71 14.02 -22.39
N GLU A 65 1.08 13.18 -23.37
CA GLU A 65 0.11 12.72 -24.36
C GLU A 65 0.27 11.21 -24.53
N ASN A 66 -0.70 10.61 -25.19
CA ASN A 66 -0.60 9.18 -25.50
C ASN A 66 -1.09 8.91 -26.94
N LYS A 67 -0.50 7.90 -27.52
CA LYS A 67 -0.88 7.39 -28.83
C LYS A 67 -1.42 5.96 -28.67
N ASP A 68 -2.72 5.85 -28.92
CA ASP A 68 -3.48 4.63 -28.81
C ASP A 68 -3.36 4.01 -27.42
N PHE A 69 -3.07 4.80 -26.37
CA PHE A 69 -2.85 4.28 -25.03
C PHE A 69 -1.68 3.32 -24.95
N LYS A 70 -0.77 3.34 -25.91
CA LYS A 70 0.36 2.43 -25.97
C LYS A 70 1.67 3.20 -25.93
N VAL A 71 1.72 4.41 -26.54
CA VAL A 71 2.98 5.16 -26.42
C VAL A 71 2.68 6.42 -25.62
N TRP A 72 3.30 6.55 -24.46
CA TRP A 72 3.06 7.67 -23.55
C TRP A 72 4.25 8.60 -23.53
N THR A 73 4.03 9.88 -23.84
CA THR A 73 5.12 10.86 -23.90
C THR A 73 4.99 11.92 -22.82
N PHE A 74 5.99 12.00 -21.94
CA PHE A 74 5.93 12.94 -20.80
C PHE A 74 6.90 14.09 -21.00
N HIS A 75 6.41 15.30 -20.94
CA HIS A 75 7.18 16.53 -21.09
C HIS A 75 7.62 17.03 -19.72
N LEU A 76 8.89 16.89 -19.34
CA LEU A 76 9.32 17.25 -18.00
C LEU A 76 9.55 18.75 -17.86
N ARG A 77 9.13 19.30 -16.71
CA ARG A 77 9.34 20.74 -16.51
C ARG A 77 10.83 21.06 -16.49
N GLU A 78 11.19 22.19 -17.13
CA GLU A 78 12.62 22.56 -17.21
C GLU A 78 13.32 22.92 -15.93
N ASN A 79 12.58 23.30 -14.89
CA ASN A 79 13.21 23.66 -13.61
C ASN A 79 13.13 22.60 -12.53
N ALA A 80 12.84 21.36 -12.91
CA ALA A 80 12.81 20.28 -11.87
C ALA A 80 14.28 20.01 -11.50
N LYS A 81 14.60 20.06 -10.22
CA LYS A 81 15.94 19.82 -9.75
C LYS A 81 16.03 18.85 -8.56
N TRP A 82 17.18 18.24 -8.39
CA TRP A 82 17.58 17.45 -7.24
C TRP A 82 17.99 18.40 -6.12
N SER A 83 18.19 17.91 -4.89
CA SER A 83 18.52 18.75 -3.75
C SER A 83 19.95 19.28 -3.78
N ASP A 84 20.78 18.69 -4.66
CA ASP A 84 22.13 19.18 -4.85
C ASP A 84 22.14 20.25 -5.95
N GLY A 85 21.00 20.63 -6.47
CA GLY A 85 20.90 21.64 -7.50
C GLY A 85 20.93 21.16 -8.94
N THR A 86 21.24 19.91 -9.20
CA THR A 86 21.31 19.37 -10.57
C THR A 86 19.94 19.08 -11.14
N PRO A 87 19.76 19.21 -12.46
CA PRO A 87 18.52 18.99 -13.13
C PRO A 87 17.99 17.56 -13.00
N VAL A 88 16.70 17.41 -12.83
CA VAL A 88 16.07 16.09 -12.95
C VAL A 88 15.84 15.91 -14.46
N THR A 89 16.31 14.84 -15.06
CA THR A 89 16.11 14.69 -16.52
C THR A 89 15.34 13.41 -16.83
N ALA A 90 15.01 13.24 -18.11
CA ALA A 90 14.41 12.01 -18.58
C ALA A 90 15.41 10.85 -18.46
N HIS A 91 16.71 11.09 -18.50
CA HIS A 91 17.72 10.07 -18.33
C HIS A 91 17.63 9.49 -16.91
N ASP A 92 17.28 10.32 -15.91
CA ASP A 92 17.11 9.78 -14.56
C ASP A 92 15.95 8.76 -14.52
N PHE A 93 14.89 9.02 -15.26
CA PHE A 93 13.75 8.11 -15.30
C PHE A 93 14.12 6.84 -16.04
N VAL A 94 14.91 6.96 -17.12
CA VAL A 94 15.34 5.75 -17.85
C VAL A 94 16.16 4.87 -16.92
N TYR A 95 17.15 5.44 -16.27
CA TYR A 95 17.99 4.66 -15.35
C TYR A 95 17.10 4.05 -14.24
N SER A 96 16.24 4.88 -13.66
CA SER A 96 15.43 4.34 -12.55
C SER A 96 14.49 3.20 -12.89
N TRP A 97 13.74 3.29 -13.97
CA TRP A 97 12.81 2.21 -14.32
C TRP A 97 13.61 0.97 -14.73
N GLN A 98 14.82 1.14 -15.33
CA GLN A 98 15.61 -0.07 -15.61
C GLN A 98 16.11 -0.73 -14.32
N ARG A 99 16.49 0.04 -13.32
CA ARG A 99 16.95 -0.46 -12.03
C ARG A 99 15.78 -1.16 -11.32
N LEU A 100 14.58 -0.57 -11.42
CA LEU A 100 13.43 -1.29 -10.84
C LEU A 100 13.20 -2.65 -11.47
N ALA A 101 13.32 -2.76 -12.80
CA ALA A 101 13.11 -3.96 -13.56
C ALA A 101 14.19 -5.03 -13.37
N ASP A 102 15.41 -4.61 -13.11
CA ASP A 102 16.57 -5.49 -12.99
C ASP A 102 16.39 -6.44 -11.81
N PRO A 103 16.40 -7.74 -12.09
CA PRO A 103 16.31 -8.78 -11.09
C PRO A 103 17.35 -8.66 -10.00
N ASN A 104 18.56 -8.17 -10.32
CA ASN A 104 19.57 -7.93 -9.31
C ASN A 104 19.14 -6.93 -8.24
N THR A 105 18.19 -6.06 -8.51
CA THR A 105 17.70 -5.10 -7.50
C THR A 105 16.74 -5.78 -6.53
N ALA A 106 16.13 -6.87 -6.98
CA ALA A 106 15.19 -7.63 -6.16
C ALA A 106 14.14 -6.75 -5.51
N SER A 107 13.53 -5.88 -6.31
CA SER A 107 12.50 -5.01 -5.73
C SER A 107 11.23 -5.82 -5.52
N PRO A 108 10.54 -5.58 -4.39
CA PRO A 108 9.22 -6.16 -4.18
C PRO A 108 8.22 -5.62 -5.19
N TYR A 109 8.50 -4.46 -5.83
CA TYR A 109 7.65 -3.85 -6.80
C TYR A 109 8.19 -3.95 -8.24
N ALA A 110 9.12 -4.87 -8.49
CA ALA A 110 9.52 -5.15 -9.89
C ALA A 110 8.33 -5.35 -10.80
N SER A 111 7.27 -6.05 -10.40
CA SER A 111 6.07 -6.29 -11.20
C SER A 111 5.19 -5.09 -11.46
N TYR A 112 5.43 -3.96 -10.81
CA TYR A 112 4.66 -2.75 -11.14
C TYR A 112 4.86 -2.43 -12.63
N LEU A 113 6.02 -2.76 -13.23
CA LEU A 113 6.21 -2.51 -14.66
C LEU A 113 5.44 -3.51 -15.51
N GLN A 114 5.13 -4.70 -15.01
CA GLN A 114 4.27 -5.65 -15.69
C GLN A 114 2.83 -5.15 -15.56
N TYR A 115 2.48 -4.54 -14.41
CA TYR A 115 1.12 -4.01 -14.26
C TYR A 115 0.82 -2.92 -15.30
N GLY A 116 1.85 -2.14 -15.62
CA GLY A 116 1.68 -1.11 -16.65
C GLY A 116 1.96 -1.67 -18.04
N HIS A 117 2.46 -2.90 -18.17
CA HIS A 117 2.78 -3.54 -19.43
C HIS A 117 3.84 -2.83 -20.26
N ILE A 118 4.89 -2.35 -19.65
CA ILE A 118 6.00 -1.69 -20.32
C ILE A 118 6.64 -2.79 -21.19
N ALA A 119 6.97 -2.46 -22.42
CA ALA A 119 7.54 -3.46 -23.32
C ALA A 119 8.78 -4.13 -22.77
N ASN A 120 8.86 -5.45 -22.99
CA ASN A 120 9.89 -6.37 -22.64
C ASN A 120 10.11 -6.66 -21.16
N ILE A 121 9.21 -6.22 -20.29
CA ILE A 121 9.41 -6.43 -18.86
C ILE A 121 9.39 -7.91 -18.46
N ASP A 122 8.54 -8.74 -19.04
CA ASP A 122 8.51 -10.17 -18.63
C ASP A 122 9.86 -10.83 -18.85
N ASP A 123 10.48 -10.65 -20.01
CA ASP A 123 11.82 -11.18 -20.27
C ASP A 123 12.92 -10.60 -19.42
N ILE A 124 12.83 -9.35 -19.01
CA ILE A 124 13.81 -8.70 -18.15
C ILE A 124 13.66 -9.28 -16.74
N ILE A 125 12.43 -9.39 -16.24
CA ILE A 125 12.24 -9.97 -14.91
C ILE A 125 12.80 -11.41 -14.89
N ALA A 126 12.55 -12.16 -15.95
CA ALA A 126 12.97 -13.54 -16.07
C ALA A 126 14.44 -13.74 -16.34
N GLY A 127 15.24 -12.71 -16.53
CA GLY A 127 16.66 -12.82 -16.78
C GLY A 127 16.97 -13.15 -18.23
N LYS A 128 15.94 -13.12 -19.08
CA LYS A 128 16.09 -13.44 -20.49
C LYS A 128 16.65 -12.30 -21.32
N LYS A 129 16.39 -11.05 -20.94
CA LYS A 129 16.89 -9.89 -21.66
C LYS A 129 17.42 -8.92 -20.59
N PRO A 130 18.41 -8.12 -20.93
CA PRO A 130 18.98 -7.17 -20.02
C PRO A 130 17.99 -6.04 -19.72
N ALA A 131 18.19 -5.35 -18.61
CA ALA A 131 17.29 -4.27 -18.20
C ALA A 131 17.26 -3.09 -19.14
N THR A 132 18.35 -2.89 -19.89
CA THR A 132 18.44 -1.84 -20.89
C THR A 132 17.54 -2.11 -22.07
N ASP A 133 16.82 -3.22 -22.18
CA ASP A 133 15.89 -3.43 -23.26
C ASP A 133 14.50 -2.93 -22.81
N LEU A 134 14.35 -2.45 -21.58
CA LEU A 134 13.00 -2.01 -21.17
C LEU A 134 12.45 -0.97 -22.12
N GLY A 135 11.16 -0.98 -22.41
CA GLY A 135 10.60 0.01 -23.36
C GLY A 135 10.42 1.41 -22.85
N VAL A 136 11.50 2.07 -22.44
CA VAL A 136 11.51 3.46 -22.04
C VAL A 136 12.71 4.14 -22.73
N LYS A 137 12.57 5.42 -23.05
CA LYS A 137 13.70 6.15 -23.60
C LYS A 137 13.57 7.65 -23.35
N ALA A 138 14.74 8.29 -23.27
CA ALA A 138 14.75 9.74 -23.13
C ALA A 138 14.90 10.27 -24.57
N LEU A 139 13.90 11.02 -25.02
CA LEU A 139 14.02 11.58 -26.40
C LEU A 139 14.95 12.78 -26.37
N ASP A 140 15.04 13.44 -25.22
CA ASP A 140 15.94 14.53 -24.95
C ASP A 140 16.01 14.69 -23.43
N ASP A 141 16.70 15.67 -22.86
CA ASP A 141 16.75 15.77 -21.41
C ASP A 141 15.38 16.01 -20.80
N HIS A 142 14.39 16.57 -21.47
CA HIS A 142 13.13 16.92 -20.81
C HIS A 142 11.96 16.14 -21.37
N THR A 143 12.24 15.02 -22.03
CA THR A 143 11.18 14.22 -22.63
C THR A 143 11.34 12.72 -22.43
N PHE A 144 10.39 12.11 -21.70
CA PHE A 144 10.50 10.71 -21.35
C PHE A 144 9.42 9.93 -22.08
N GLU A 145 9.73 8.95 -22.89
CA GLU A 145 8.78 8.19 -23.67
C GLU A 145 8.65 6.74 -23.22
N VAL A 146 7.40 6.32 -22.97
CA VAL A 146 7.18 4.96 -22.51
C VAL A 146 6.39 4.18 -23.55
N THR A 147 6.88 2.98 -23.87
CA THR A 147 6.19 2.13 -24.84
C THR A 147 5.62 0.88 -24.19
N LEU A 148 4.33 0.65 -24.25
CA LEU A 148 3.69 -0.54 -23.70
C LEU A 148 3.40 -1.59 -24.77
N SER A 149 3.19 -2.83 -24.31
CA SER A 149 2.92 -3.92 -25.25
C SER A 149 1.46 -4.04 -25.61
N GLU A 150 0.58 -3.27 -25.00
CA GLU A 150 -0.85 -3.26 -25.33
C GLU A 150 -1.47 -2.01 -24.73
N PRO A 151 -2.63 -1.58 -25.23
CA PRO A 151 -3.28 -0.38 -24.75
C PRO A 151 -3.68 -0.49 -23.28
N VAL A 152 -3.27 0.52 -22.51
CA VAL A 152 -3.62 0.61 -21.09
C VAL A 152 -4.13 2.03 -20.84
N PRO A 153 -5.44 2.25 -20.89
CA PRO A 153 -6.04 3.56 -20.77
C PRO A 153 -5.84 4.20 -19.42
N TYR A 154 -5.66 3.43 -18.34
CA TYR A 154 -5.37 3.97 -17.03
C TYR A 154 -3.90 4.03 -16.69
N PHE A 155 -3.00 3.85 -17.66
CA PHE A 155 -1.57 3.82 -17.40
C PHE A 155 -1.07 4.97 -16.56
N TYR A 156 -1.43 6.21 -16.93
CA TYR A 156 -0.92 7.35 -16.17
C TYR A 156 -1.32 7.34 -14.70
N LYS A 157 -2.41 6.70 -14.28
CA LYS A 157 -2.81 6.61 -12.88
C LYS A 157 -1.77 5.86 -12.06
N LEU A 158 -1.01 4.94 -12.68
CA LEU A 158 0.01 4.21 -11.96
C LEU A 158 1.14 5.09 -11.49
N LEU A 159 1.45 6.18 -12.18
CA LEU A 159 2.70 6.91 -12.01
C LEU A 159 2.92 7.73 -10.79
N VAL A 160 1.98 7.74 -9.82
CA VAL A 160 2.22 8.43 -8.56
C VAL A 160 2.91 7.57 -7.52
N HIS A 161 3.11 6.27 -7.78
CA HIS A 161 3.66 5.30 -6.85
C HIS A 161 5.14 5.43 -6.67
N PRO A 162 5.66 5.18 -5.47
CA PRO A 162 7.06 5.37 -5.17
C PRO A 162 7.97 4.53 -6.04
N SER A 163 7.55 3.33 -6.44
CA SER A 163 8.41 2.47 -7.25
C SER A 163 8.81 3.10 -8.58
N VAL A 164 8.01 3.99 -9.13
CA VAL A 164 8.36 4.68 -10.38
C VAL A 164 8.90 6.10 -10.13
N SER A 165 9.36 6.42 -8.91
CA SER A 165 10.06 7.70 -8.66
C SER A 165 11.51 7.58 -9.12
N PRO A 166 12.16 8.67 -9.44
CA PRO A 166 13.56 8.64 -9.83
C PRO A 166 14.47 8.47 -8.63
N VAL A 167 15.60 7.81 -8.91
CA VAL A 167 16.68 7.67 -7.91
C VAL A 167 17.95 8.26 -8.59
N PRO A 168 18.82 8.86 -7.80
CA PRO A 168 20.05 9.49 -8.35
C PRO A 168 21.17 8.49 -8.60
N LYS A 169 21.44 8.13 -9.84
CA LYS A 169 22.45 7.13 -10.21
C LYS A 169 23.81 7.32 -9.56
N SER A 170 24.32 8.56 -9.58
CA SER A 170 25.66 8.78 -9.02
C SER A 170 25.73 8.45 -7.53
N ALA A 171 24.70 8.73 -6.73
CA ALA A 171 24.73 8.39 -5.32
C ALA A 171 24.60 6.88 -5.16
N VAL A 172 23.73 6.25 -5.95
CA VAL A 172 23.55 4.81 -5.86
C VAL A 172 24.85 4.08 -6.22
N GLU A 173 25.47 4.52 -7.31
CA GLU A 173 26.71 3.87 -7.75
C GLU A 173 27.87 4.09 -6.81
N LYS A 174 28.01 5.31 -6.33
CA LYS A 174 29.11 5.62 -5.44
C LYS A 174 28.97 5.04 -4.04
N PHE A 175 27.77 5.09 -3.44
CA PHE A 175 27.61 4.63 -2.07
C PHE A 175 26.91 3.30 -1.82
N GLY A 176 26.34 2.67 -2.82
CA GLY A 176 25.69 1.36 -2.68
C GLY A 176 24.51 1.44 -1.73
N ASP A 177 24.37 0.49 -0.79
CA ASP A 177 23.23 0.54 0.14
C ASP A 177 23.30 1.65 1.16
N LYS A 178 24.38 2.44 1.26
CA LYS A 178 24.43 3.56 2.18
C LYS A 178 24.06 4.84 1.44
N TRP A 179 23.53 4.75 0.23
CA TRP A 179 23.20 5.94 -0.55
C TRP A 179 22.11 6.78 0.11
N THR A 180 21.24 6.12 0.88
CA THR A 180 20.16 6.82 1.55
C THR A 180 20.52 7.43 2.89
N GLN A 181 21.77 7.32 3.36
CA GLN A 181 22.19 7.98 4.61
C GLN A 181 22.13 9.47 4.38
N PRO A 182 21.89 10.27 5.39
CA PRO A 182 21.76 11.72 5.28
C PRO A 182 22.93 12.41 4.59
N ALA A 183 24.14 11.94 4.87
CA ALA A 183 25.34 12.53 4.26
C ALA A 183 25.43 12.22 2.78
N ASN A 184 24.79 11.14 2.33
CA ASN A 184 24.93 10.76 0.94
C ASN A 184 23.71 10.98 0.05
N ILE A 185 22.52 10.95 0.63
CA ILE A 185 21.30 11.01 -0.18
C ILE A 185 21.11 12.28 -0.95
N VAL A 186 20.49 12.22 -2.10
CA VAL A 186 20.07 13.31 -2.95
C VAL A 186 18.58 13.14 -3.28
N THR A 187 17.72 14.14 -3.08
CA THR A 187 16.28 13.98 -3.33
C THR A 187 15.66 15.04 -4.23
N ASN A 188 14.50 14.75 -4.84
CA ASN A 188 13.88 15.70 -5.75
C ASN A 188 12.45 16.08 -5.35
N GLY A 189 12.02 15.60 -4.18
CA GLY A 189 10.69 16.01 -3.68
C GLY A 189 10.74 17.33 -2.92
N ALA A 190 9.64 17.68 -2.24
CA ALA A 190 9.62 18.95 -1.51
C ALA A 190 10.56 19.00 -0.31
N TYR A 191 11.02 17.85 0.20
CA TYR A 191 11.84 17.75 1.37
C TYR A 191 13.17 17.03 1.13
N LYS A 192 14.08 17.20 2.09
CA LYS A 192 15.38 16.57 2.06
C LYS A 192 15.55 15.81 3.37
N LEU A 193 16.39 14.78 3.42
CA LEU A 193 16.56 14.05 4.69
C LEU A 193 17.52 14.79 5.62
N LYS A 194 17.15 15.11 6.84
CA LYS A 194 18.05 15.78 7.78
C LYS A 194 18.66 14.76 8.73
N ASN A 195 17.82 13.94 9.37
CA ASN A 195 18.25 12.97 10.34
C ASN A 195 17.47 11.65 10.20
N TRP A 196 18.16 10.57 10.51
CA TRP A 196 17.52 9.26 10.46
C TRP A 196 18.14 8.41 11.58
N VAL A 197 17.38 8.29 12.67
CA VAL A 197 17.81 7.49 13.81
C VAL A 197 16.89 6.26 13.87
N VAL A 198 17.40 5.09 13.61
CA VAL A 198 16.54 3.89 13.60
C VAL A 198 15.81 3.67 14.90
N ASN A 199 14.51 3.43 14.79
CA ASN A 199 13.57 3.17 15.86
C ASN A 199 13.36 4.41 16.72
N GLU A 200 13.71 5.61 16.22
CA GLU A 200 13.50 6.81 17.00
C GLU A 200 12.76 7.87 16.18
N ARG A 201 13.41 8.29 15.09
CA ARG A 201 12.76 9.28 14.25
C ARG A 201 13.45 9.49 12.92
N ILE A 202 12.67 9.99 11.98
CA ILE A 202 13.11 10.46 10.67
C ILE A 202 12.70 11.93 10.59
N VAL A 203 13.71 12.80 10.36
CA VAL A 203 13.38 14.23 10.30
C VAL A 203 13.69 14.79 8.91
N LEU A 204 12.71 15.39 8.26
CA LEU A 204 12.87 15.95 6.92
C LEU A 204 12.87 17.48 6.99
N GLU A 205 13.67 18.10 6.11
CA GLU A 205 13.65 19.57 6.12
C GLU A 205 13.36 20.05 4.68
N ARG A 206 12.71 21.20 4.59
CA ARG A 206 12.41 21.73 3.27
C ARG A 206 13.56 21.63 2.26
N ASN A 207 13.27 21.30 1.00
CA ASN A 207 14.28 21.23 -0.05
C ASN A 207 14.17 22.49 -0.90
N PRO A 208 15.09 23.44 -0.79
CA PRO A 208 14.98 24.71 -1.50
C PRO A 208 15.10 24.59 -3.00
N GLN A 209 15.63 23.48 -3.48
CA GLN A 209 15.78 23.29 -4.94
C GLN A 209 14.50 22.73 -5.56
N TYR A 210 13.52 22.33 -4.72
CA TYR A 210 12.27 21.79 -5.25
C TYR A 210 11.63 22.84 -6.14
N TRP A 211 11.24 22.45 -7.33
CA TRP A 211 10.61 23.34 -8.30
C TRP A 211 9.38 24.05 -7.76
N ASP A 212 8.58 23.41 -6.91
CA ASP A 212 7.40 24.10 -6.37
C ASP A 212 7.63 24.63 -4.96
N ASN A 213 8.87 24.86 -4.54
CA ASN A 213 9.26 25.29 -3.22
C ASN A 213 8.59 26.52 -2.67
N ALA A 214 8.33 27.50 -3.54
CA ALA A 214 7.63 28.70 -3.07
C ALA A 214 6.27 28.36 -2.46
N LYS A 215 5.55 27.30 -2.87
CA LYS A 215 4.29 26.96 -2.25
C LYS A 215 4.41 26.02 -1.04
N THR A 216 5.59 25.54 -0.73
CA THR A 216 5.77 24.69 0.47
C THR A 216 5.69 25.56 1.73
N VAL A 217 4.97 25.12 2.75
CA VAL A 217 4.79 25.91 3.96
C VAL A 217 5.49 25.27 5.15
N ILE A 218 5.35 23.95 5.35
CA ILE A 218 6.00 23.28 6.49
C ILE A 218 7.51 23.21 6.29
N ASN A 219 8.31 23.68 7.24
CA ASN A 219 9.73 23.70 7.12
C ASN A 219 10.43 22.42 7.54
N GLN A 220 9.80 21.68 8.46
CA GLN A 220 10.38 20.43 8.94
C GLN A 220 9.25 19.50 9.38
N VAL A 221 9.37 18.23 8.98
CA VAL A 221 8.38 17.23 9.43
C VAL A 221 9.17 16.07 10.03
N THR A 222 8.67 15.49 11.11
CA THR A 222 9.31 14.36 11.78
C THR A 222 8.35 13.16 11.65
N TYR A 223 8.90 12.03 11.26
CA TYR A 223 8.11 10.80 11.16
C TYR A 223 8.57 9.86 12.27
N LEU A 224 7.63 9.44 13.13
CA LEU A 224 8.00 8.53 14.22
C LEU A 224 7.61 7.09 13.89
N PRO A 225 8.23 6.13 14.54
CA PRO A 225 8.00 4.73 14.25
C PRO A 225 7.23 3.99 15.34
N ILE A 226 6.20 4.58 15.89
CA ILE A 226 5.50 3.97 17.03
C ILE A 226 4.44 2.98 16.55
N SER A 227 4.62 1.71 16.92
CA SER A 227 3.69 0.68 16.50
C SER A 227 2.54 0.47 17.46
N SER A 228 2.70 0.95 18.70
CA SER A 228 1.58 0.91 19.65
C SER A 228 0.63 2.06 19.37
N GLU A 229 -0.59 1.73 18.96
CA GLU A 229 -1.67 2.65 18.64
C GLU A 229 -2.09 3.39 19.92
N VAL A 230 -2.00 2.75 21.07
CA VAL A 230 -2.25 3.41 22.37
C VAL A 230 -1.23 4.50 22.64
N THR A 231 0.05 4.19 22.47
CA THR A 231 1.14 5.12 22.64
C THR A 231 1.03 6.28 21.68
N ASP A 232 0.68 5.98 20.41
CA ASP A 232 0.51 7.07 19.43
C ASP A 232 -0.56 8.03 19.95
N VAL A 233 -1.74 7.53 20.31
CA VAL A 233 -2.79 8.42 20.83
C VAL A 233 -2.26 9.17 22.05
N ASN A 234 -1.59 8.50 22.99
CA ASN A 234 -1.08 9.18 24.17
C ASN A 234 -0.14 10.33 23.81
N ARG A 235 0.80 10.16 22.89
CA ARG A 235 1.73 11.22 22.53
C ARG A 235 1.08 12.28 21.65
N TYR A 236 -0.02 11.97 20.98
CA TYR A 236 -0.83 12.98 20.32
C TYR A 236 -1.50 13.82 21.43
N ARG A 237 -2.21 13.21 22.37
CA ARG A 237 -2.92 14.02 23.37
C ARG A 237 -2.01 14.75 24.31
N SER A 238 -0.77 14.32 24.50
CA SER A 238 0.20 15.00 25.33
C SER A 238 0.71 16.26 24.63
N GLY A 239 0.56 16.33 23.30
CA GLY A 239 1.01 17.51 22.54
C GLY A 239 2.19 17.21 21.63
N GLU A 240 2.87 16.08 21.79
CA GLU A 240 4.04 15.79 20.95
C GLU A 240 3.69 15.54 19.47
N ILE A 241 2.63 14.78 19.22
CA ILE A 241 2.27 14.39 17.85
C ILE A 241 1.10 15.20 17.32
N ASP A 242 1.22 15.71 16.10
CA ASP A 242 0.16 16.43 15.45
C ASP A 242 -0.78 15.55 14.64
N MET A 243 -0.29 14.45 14.03
CA MET A 243 -1.16 13.56 13.26
C MET A 243 -0.82 12.11 13.61
N THR A 244 -1.76 11.35 14.16
CA THR A 244 -1.40 9.96 14.49
C THR A 244 -1.26 9.17 13.17
N TYR A 245 -0.81 7.92 13.30
CA TYR A 245 -0.80 6.99 12.16
C TYR A 245 -2.25 6.55 12.06
N ASN A 246 -2.70 6.00 10.94
CA ASN A 246 -4.08 5.61 10.75
C ASN A 246 -4.31 4.14 11.01
N ASN A 247 -4.07 3.74 12.24
CA ASN A 247 -4.36 2.49 12.90
C ASN A 247 -4.87 2.94 14.29
N MET A 248 -6.11 2.72 14.68
CA MET A 248 -6.61 3.21 15.95
C MET A 248 -6.74 2.10 17.02
N PRO A 249 -6.44 2.40 18.26
CA PRO A 249 -6.51 1.41 19.33
C PRO A 249 -7.91 1.05 19.80
N ILE A 250 -8.15 -0.25 20.01
CA ILE A 250 -9.46 -0.70 20.48
C ILE A 250 -9.68 -0.20 21.90
N GLU A 251 -8.62 -0.11 22.69
CA GLU A 251 -8.75 0.38 24.05
C GLU A 251 -9.41 1.75 24.17
N LEU A 252 -9.08 2.68 23.29
CA LEU A 252 -9.47 4.07 23.45
C LEU A 252 -10.39 4.75 22.46
N PHE A 253 -10.62 4.16 21.29
CA PHE A 253 -11.38 4.84 20.25
C PHE A 253 -12.79 5.28 20.57
N GLN A 254 -13.55 4.41 21.23
CA GLN A 254 -14.94 4.84 21.55
C GLN A 254 -14.87 6.10 22.41
N LYS A 255 -13.97 6.15 23.39
CA LYS A 255 -13.81 7.30 24.26
C LYS A 255 -13.37 8.53 23.46
N LEU A 256 -12.42 8.35 22.54
CA LEU A 256 -11.92 9.47 21.74
C LEU A 256 -13.01 10.12 20.89
N LYS A 257 -13.90 9.32 20.31
CA LYS A 257 -14.97 9.97 19.52
C LYS A 257 -15.90 10.77 20.42
N LYS A 258 -15.99 10.41 21.72
CA LYS A 258 -16.86 11.25 22.57
C LYS A 258 -16.08 12.39 23.20
N GLU A 259 -14.77 12.23 23.36
CA GLU A 259 -13.96 13.28 23.97
C GLU A 259 -13.46 14.32 23.00
N ILE A 260 -13.02 13.98 21.77
CA ILE A 260 -12.52 14.98 20.83
C ILE A 260 -13.06 14.69 19.43
N PRO A 261 -14.38 14.72 19.26
CA PRO A 261 -15.07 14.38 18.04
C PRO A 261 -14.53 15.00 16.78
N ASN A 262 -14.22 16.27 16.84
CA ASN A 262 -13.70 17.09 15.78
C ASN A 262 -12.27 16.77 15.34
N GLU A 263 -11.55 15.99 16.12
CA GLU A 263 -10.19 15.59 15.78
C GLU A 263 -10.14 14.20 15.21
N VAL A 264 -11.21 13.44 15.44
CA VAL A 264 -11.27 12.06 14.94
C VAL A 264 -11.69 12.12 13.48
N ARG A 265 -10.75 11.84 12.56
CA ARG A 265 -11.11 11.91 11.14
C ARG A 265 -11.44 10.51 10.66
N VAL A 266 -12.59 10.29 10.01
CA VAL A 266 -12.91 8.95 9.54
C VAL A 266 -13.38 9.05 8.11
N ASP A 267 -12.64 8.53 7.12
CA ASP A 267 -13.00 8.73 5.72
C ASP A 267 -12.84 7.44 4.92
N PRO A 268 -13.37 7.44 3.70
CA PRO A 268 -13.28 6.24 2.88
C PRO A 268 -11.83 5.89 2.62
N TYR A 269 -11.55 4.61 2.51
CA TYR A 269 -10.15 4.15 2.31
C TYR A 269 -10.18 2.90 1.46
N LEU A 270 -9.39 2.87 0.37
CA LEU A 270 -9.38 1.70 -0.51
C LEU A 270 -8.38 0.66 -0.04
N CYS A 271 -8.69 0.05 1.14
CA CYS A 271 -7.79 -0.98 1.65
C CYS A 271 -8.61 -2.18 2.17
N THR A 272 -8.00 -3.34 2.15
CA THR A 272 -8.72 -4.53 2.60
C THR A 272 -7.88 -5.21 3.68
N TYR A 273 -8.48 -5.56 4.83
CA TYR A 273 -7.83 -6.29 5.92
C TYR A 273 -8.17 -7.78 5.75
N TYR A 274 -7.18 -8.67 5.74
CA TYR A 274 -7.47 -10.07 5.52
C TYR A 274 -6.42 -10.95 6.19
N TYR A 275 -6.74 -12.24 6.30
CA TYR A 275 -5.71 -13.18 6.79
C TYR A 275 -5.16 -13.83 5.53
N GLU A 276 -3.87 -13.61 5.26
CA GLU A 276 -3.15 -14.15 4.14
C GLU A 276 -2.74 -15.60 4.43
N ILE A 277 -3.19 -16.53 3.58
CA ILE A 277 -2.81 -17.94 3.78
C ILE A 277 -1.64 -18.27 2.89
N ASN A 278 -0.65 -19.02 3.37
CA ASN A 278 0.46 -19.41 2.50
C ASN A 278 -0.06 -20.58 1.65
N ASN A 279 -0.48 -20.27 0.40
CA ASN A 279 -1.09 -21.31 -0.44
C ASN A 279 -0.17 -22.44 -0.84
N GLN A 280 1.14 -22.35 -0.72
CA GLN A 280 2.03 -23.42 -1.16
C GLN A 280 2.47 -24.34 -0.04
N LYS A 281 1.97 -24.11 1.15
CA LYS A 281 2.41 -24.91 2.29
C LYS A 281 1.29 -25.75 2.87
N ALA A 282 1.56 -27.06 2.87
CA ALA A 282 0.64 -28.04 3.43
C ALA A 282 0.48 -27.75 4.91
N PRO A 283 -0.73 -27.86 5.44
CA PRO A 283 -1.90 -28.30 4.70
C PRO A 283 -2.72 -27.17 4.06
N PHE A 284 -2.12 -26.00 3.92
CA PHE A 284 -2.86 -24.86 3.36
C PHE A 284 -2.99 -24.90 1.85
N ASN A 285 -2.40 -25.90 1.22
CA ASN A 285 -2.51 -26.18 -0.19
C ASN A 285 -3.78 -26.99 -0.49
N ASP A 286 -4.59 -27.27 0.51
CA ASP A 286 -5.86 -27.96 0.36
C ASP A 286 -6.99 -26.94 0.42
N VAL A 287 -7.77 -26.78 -0.66
CA VAL A 287 -8.86 -25.81 -0.64
C VAL A 287 -9.86 -25.98 0.48
N ARG A 288 -10.07 -27.21 0.98
CA ARG A 288 -11.05 -27.41 2.05
C ARG A 288 -10.61 -26.69 3.33
N VAL A 289 -9.32 -26.77 3.59
CA VAL A 289 -8.79 -26.12 4.79
C VAL A 289 -8.96 -24.61 4.65
N ARG A 290 -8.53 -24.03 3.51
CA ARG A 290 -8.65 -22.59 3.33
C ARG A 290 -10.10 -22.14 3.41
N THR A 291 -11.02 -22.86 2.73
CA THR A 291 -12.43 -22.49 2.78
C THR A 291 -12.99 -22.56 4.18
N ALA A 292 -12.59 -23.57 4.99
CA ALA A 292 -13.10 -23.67 6.37
C ALA A 292 -12.73 -22.47 7.21
N LEU A 293 -11.44 -22.10 7.13
CA LEU A 293 -10.93 -20.94 7.85
C LEU A 293 -11.65 -19.68 7.40
N LYS A 294 -11.86 -19.53 6.10
CA LYS A 294 -12.55 -18.36 5.57
C LYS A 294 -13.97 -18.27 6.13
N LEU A 295 -14.71 -19.39 6.05
CA LEU A 295 -16.09 -19.40 6.51
C LEU A 295 -16.28 -19.31 8.01
N ALA A 296 -15.40 -19.90 8.82
CA ALA A 296 -15.61 -19.93 10.28
C ALA A 296 -15.34 -18.63 11.00
N LEU A 297 -14.59 -17.73 10.31
CA LEU A 297 -14.30 -16.43 10.88
C LEU A 297 -15.59 -15.62 10.83
N ASP A 298 -16.01 -15.09 11.96
CA ASP A 298 -17.25 -14.34 12.09
C ASP A 298 -16.95 -12.85 11.97
N ARG A 299 -17.19 -12.32 10.77
CA ARG A 299 -16.90 -10.91 10.51
C ARG A 299 -17.76 -9.94 11.28
N ASP A 300 -19.01 -10.32 11.56
CA ASP A 300 -19.86 -9.40 12.34
C ASP A 300 -19.26 -9.25 13.73
N ILE A 301 -18.77 -10.32 14.35
CA ILE A 301 -18.16 -10.16 15.66
C ILE A 301 -16.88 -9.29 15.58
N ILE A 302 -16.02 -9.59 14.63
CA ILE A 302 -14.78 -8.82 14.53
C ILE A 302 -15.07 -7.36 14.18
N VAL A 303 -15.85 -7.13 13.14
CA VAL A 303 -16.08 -5.75 12.70
C VAL A 303 -16.95 -4.90 13.60
N ASN A 304 -18.09 -5.45 14.05
CA ASN A 304 -18.98 -4.64 14.88
C ASN A 304 -18.85 -4.90 16.36
N LYS A 305 -18.34 -6.05 16.79
CA LYS A 305 -18.23 -6.23 18.24
C LYS A 305 -16.84 -5.89 18.76
N VAL A 306 -15.81 -6.56 18.30
CA VAL A 306 -14.47 -6.29 18.83
C VAL A 306 -13.82 -5.03 18.28
N LYS A 307 -13.97 -4.64 17.02
CA LYS A 307 -13.28 -3.41 16.58
C LYS A 307 -14.20 -2.21 16.63
N ASN A 308 -15.35 -2.24 15.99
CA ASN A 308 -16.34 -1.21 15.94
C ASN A 308 -15.84 0.22 15.71
N GLN A 309 -15.18 0.44 14.58
CA GLN A 309 -14.62 1.71 14.16
C GLN A 309 -15.18 2.19 12.83
N GLY A 310 -16.18 1.48 12.31
CA GLY A 310 -16.85 1.82 11.07
C GLY A 310 -16.42 0.97 9.88
N ASP A 311 -15.57 -0.03 10.09
CA ASP A 311 -15.15 -0.88 8.95
C ASP A 311 -16.36 -1.68 8.46
N LEU A 312 -16.26 -2.22 7.26
CA LEU A 312 -17.35 -3.01 6.67
C LEU A 312 -16.87 -4.43 6.46
N PRO A 313 -17.66 -5.44 6.81
CA PRO A 313 -17.30 -6.84 6.60
C PRO A 313 -17.01 -7.08 5.13
N ALA A 314 -15.97 -7.84 4.86
CA ALA A 314 -15.47 -8.09 3.51
C ALA A 314 -15.65 -9.50 2.98
N TYR A 315 -15.90 -9.62 1.68
CA TYR A 315 -16.14 -10.90 1.03
C TYR A 315 -15.30 -11.03 -0.24
N SER A 316 -14.43 -10.03 -0.46
CA SER A 316 -13.56 -10.03 -1.64
C SER A 316 -12.20 -9.37 -1.26
N TYR A 317 -11.28 -9.41 -2.20
CA TYR A 317 -9.96 -8.80 -2.04
C TYR A 317 -10.04 -7.33 -2.44
N THR A 318 -10.41 -7.06 -3.69
CA THR A 318 -10.66 -5.71 -4.16
C THR A 318 -11.81 -5.07 -3.40
N PRO A 319 -11.65 -3.87 -2.85
CA PRO A 319 -12.73 -3.19 -2.17
C PRO A 319 -13.81 -2.90 -3.19
N PRO A 320 -15.09 -3.14 -2.89
CA PRO A 320 -16.19 -2.94 -3.79
C PRO A 320 -16.41 -1.54 -4.32
N TYR A 321 -15.86 -0.55 -3.64
CA TYR A 321 -16.00 0.85 -4.01
C TYR A 321 -14.80 1.38 -4.78
N THR A 322 -13.92 0.46 -5.18
CA THR A 322 -12.81 0.87 -6.09
C THR A 322 -13.45 1.37 -7.39
N ASP A 323 -12.89 2.38 -8.03
CA ASP A 323 -13.38 2.81 -9.35
C ASP A 323 -13.30 1.64 -10.33
N GLY A 324 -14.43 1.16 -10.87
CA GLY A 324 -14.39 0.07 -11.84
C GLY A 324 -14.76 -1.30 -11.24
N ALA A 325 -14.97 -1.35 -9.92
CA ALA A 325 -15.40 -2.61 -9.34
C ALA A 325 -16.93 -2.72 -9.39
N LYS A 326 -17.40 -3.87 -9.84
CA LYS A 326 -18.83 -4.19 -9.88
C LYS A 326 -18.88 -5.67 -9.47
N LEU A 327 -18.65 -5.90 -8.19
CA LEU A 327 -18.47 -7.25 -7.66
C LEU A 327 -19.74 -7.99 -7.29
N VAL A 328 -19.69 -9.31 -7.46
CA VAL A 328 -20.82 -10.15 -7.09
C VAL A 328 -20.56 -10.71 -5.68
N GLU A 329 -21.43 -10.37 -4.76
CA GLU A 329 -21.37 -10.85 -3.38
C GLU A 329 -21.77 -12.32 -3.37
N PRO A 330 -20.89 -13.19 -2.90
CA PRO A 330 -21.11 -14.62 -2.90
C PRO A 330 -22.18 -15.03 -1.92
N GLU A 331 -22.87 -16.13 -2.18
CA GLU A 331 -23.96 -16.62 -1.32
C GLU A 331 -23.53 -16.91 0.10
N TRP A 332 -22.32 -17.45 0.31
CA TRP A 332 -21.83 -17.68 1.67
C TRP A 332 -21.84 -16.42 2.53
N PHE A 333 -21.66 -15.22 1.98
CA PHE A 333 -21.65 -14.01 2.80
C PHE A 333 -23.04 -13.70 3.35
N LYS A 334 -24.08 -14.06 2.63
CA LYS A 334 -25.46 -13.89 3.05
C LYS A 334 -25.94 -14.99 4.00
N TRP A 335 -25.23 -16.10 4.13
CA TRP A 335 -25.70 -17.13 5.07
C TRP A 335 -25.65 -16.61 6.51
N SER A 336 -26.11 -17.45 7.42
CA SER A 336 -26.03 -17.13 8.85
C SER A 336 -24.63 -17.64 9.25
N GLN A 337 -24.06 -17.15 10.33
CA GLN A 337 -22.75 -17.67 10.76
C GLN A 337 -22.78 -19.15 11.11
N GLN A 338 -23.90 -19.60 11.70
CA GLN A 338 -24.10 -20.99 12.07
C GLN A 338 -23.94 -21.93 10.87
N LYS A 339 -24.59 -21.53 9.77
CA LYS A 339 -24.51 -22.32 8.53
C LYS A 339 -23.09 -22.28 7.97
N ARG A 340 -22.41 -21.13 8.08
CA ARG A 340 -20.99 -21.09 7.65
C ARG A 340 -20.13 -21.99 8.56
N ASN A 341 -20.40 -21.97 9.85
CA ASN A 341 -19.70 -22.81 10.82
C ASN A 341 -19.86 -24.28 10.48
N GLU A 342 -21.08 -24.75 10.21
CA GLU A 342 -21.25 -26.18 9.90
C GLU A 342 -20.51 -26.56 8.63
N GLU A 343 -20.63 -25.72 7.58
CA GLU A 343 -19.92 -26.01 6.33
C GLU A 343 -18.42 -26.14 6.55
N ALA A 344 -17.82 -25.24 7.32
CA ALA A 344 -16.41 -25.26 7.69
C ALA A 344 -15.98 -26.55 8.38
N LYS A 345 -16.68 -26.91 9.46
CA LYS A 345 -16.43 -28.14 10.22
C LYS A 345 -16.50 -29.37 9.31
N LYS A 346 -17.48 -29.38 8.42
CA LYS A 346 -17.66 -30.45 7.43
C LYS A 346 -16.46 -30.57 6.54
N LEU A 347 -15.93 -29.46 6.02
CA LEU A 347 -14.75 -29.46 5.16
C LEU A 347 -13.49 -29.88 5.90
N LEU A 348 -13.32 -29.44 7.16
CA LEU A 348 -12.13 -29.84 7.91
C LEU A 348 -12.20 -31.34 8.23
N ALA A 349 -13.41 -31.77 8.63
CA ALA A 349 -13.60 -33.21 8.90
C ALA A 349 -13.30 -33.97 7.63
N GLU A 350 -13.74 -33.45 6.49
CA GLU A 350 -13.42 -34.05 5.20
C GLU A 350 -11.93 -34.05 4.89
N ALA A 351 -11.19 -33.04 5.34
CA ALA A 351 -9.77 -32.93 5.07
C ALA A 351 -8.87 -33.80 5.94
N GLY A 352 -9.41 -34.43 6.96
CA GLY A 352 -8.65 -35.34 7.79
C GLY A 352 -8.50 -34.91 9.24
N PHE A 353 -9.08 -33.78 9.62
CA PHE A 353 -8.92 -33.31 10.99
C PHE A 353 -10.01 -33.81 11.92
N THR A 354 -9.58 -34.20 13.11
CA THR A 354 -10.43 -34.75 14.16
C THR A 354 -10.19 -34.07 15.50
N ALA A 355 -11.00 -34.37 16.53
CA ALA A 355 -10.74 -33.80 17.85
C ALA A 355 -9.41 -34.33 18.38
N ASP A 356 -9.12 -35.58 18.05
CA ASP A 356 -7.88 -36.23 18.44
C ASP A 356 -6.71 -35.61 17.69
N LYS A 357 -6.80 -35.40 16.38
CA LYS A 357 -5.71 -34.80 15.61
C LYS A 357 -6.19 -33.50 14.96
N PRO A 358 -6.27 -32.43 15.76
CA PRO A 358 -6.81 -31.17 15.29
C PRO A 358 -5.85 -30.39 14.42
N LEU A 359 -6.37 -29.29 13.89
CA LEU A 359 -5.59 -28.40 13.03
C LEU A 359 -4.99 -27.29 13.90
N THR A 360 -3.66 -27.23 13.82
CA THR A 360 -2.87 -26.30 14.59
C THR A 360 -1.81 -25.62 13.71
N PHE A 361 -1.81 -24.27 13.79
CA PHE A 361 -0.88 -23.54 12.94
C PHE A 361 -0.57 -22.17 13.51
N ASP A 362 0.37 -21.45 12.89
CA ASP A 362 0.73 -20.14 13.40
C ASP A 362 -0.05 -18.98 12.77
N LEU A 363 -0.26 -17.93 13.55
CA LEU A 363 -0.89 -16.71 13.05
C LEU A 363 0.11 -15.58 13.31
N LEU A 364 0.73 -15.16 12.22
CA LEU A 364 1.80 -14.15 12.29
C LEU A 364 1.22 -12.75 12.11
N TYR A 365 1.70 -11.78 12.90
CA TYR A 365 1.17 -10.43 12.72
C TYR A 365 2.27 -9.43 13.03
N ASN A 366 2.19 -8.22 12.47
CA ASN A 366 3.21 -7.23 12.82
C ASN A 366 2.84 -6.56 14.13
N THR A 367 3.84 -6.43 15.02
CA THR A 367 3.71 -5.80 16.32
C THR A 367 2.75 -4.65 16.33
N SER A 368 1.69 -4.72 17.16
CA SER A 368 0.65 -3.72 17.16
C SER A 368 -0.43 -4.06 18.19
N ASP A 369 -0.97 -3.04 18.81
CA ASP A 369 -2.05 -3.27 19.79
C ASP A 369 -3.29 -3.79 19.05
N LEU A 370 -3.65 -3.04 17.99
CA LEU A 370 -4.79 -3.42 17.18
C LEU A 370 -4.66 -4.84 16.62
N HIS A 371 -3.56 -5.17 15.92
CA HIS A 371 -3.48 -6.49 15.30
C HIS A 371 -3.37 -7.60 16.34
N LYS A 372 -2.76 -7.34 17.49
CA LYS A 372 -2.72 -8.41 18.50
C LYS A 372 -4.15 -8.68 19.01
N LYS A 373 -4.90 -7.64 19.36
CA LYS A 373 -6.29 -7.77 19.82
C LYS A 373 -7.20 -8.47 18.81
N LEU A 374 -7.10 -8.09 17.51
CA LEU A 374 -7.83 -8.81 16.48
C LEU A 374 -7.35 -10.25 16.35
N ALA A 375 -6.05 -10.54 16.42
CA ALA A 375 -5.61 -11.92 16.30
C ALA A 375 -6.09 -12.78 17.48
N ILE A 376 -6.14 -12.20 18.68
CA ILE A 376 -6.59 -12.99 19.86
C ILE A 376 -8.07 -13.31 19.63
N ALA A 377 -8.82 -12.35 19.11
CA ALA A 377 -10.25 -12.54 18.84
C ALA A 377 -10.51 -13.60 17.79
N VAL A 378 -9.74 -13.57 16.71
CA VAL A 378 -9.84 -14.54 15.63
C VAL A 378 -9.42 -15.92 16.09
N ALA A 379 -8.37 -15.99 16.91
CA ALA A 379 -7.96 -17.27 17.48
C ALA A 379 -9.13 -17.87 18.30
N SER A 380 -9.78 -17.06 19.11
CA SER A 380 -10.90 -17.56 19.93
C SER A 380 -12.07 -18.01 19.06
N ILE A 381 -12.37 -17.20 18.05
CA ILE A 381 -13.48 -17.51 17.13
C ILE A 381 -13.23 -18.81 16.40
N TRP A 382 -12.01 -18.99 15.89
CA TRP A 382 -11.67 -20.22 15.20
C TRP A 382 -11.66 -21.41 16.17
N LYS A 383 -11.22 -21.20 17.39
CA LYS A 383 -11.19 -22.27 18.38
C LYS A 383 -12.61 -22.76 18.64
N LYS A 384 -13.50 -21.84 18.96
CA LYS A 384 -14.88 -22.10 19.27
C LYS A 384 -15.73 -22.55 18.09
N ASN A 385 -15.54 -21.91 16.93
CA ASN A 385 -16.36 -22.26 15.77
C ASN A 385 -15.89 -23.48 15.01
N LEU A 386 -14.58 -23.73 14.97
CA LEU A 386 -14.07 -24.80 14.13
C LEU A 386 -13.14 -25.81 14.76
N GLY A 387 -12.76 -25.67 16.03
CA GLY A 387 -11.89 -26.57 16.73
C GLY A 387 -10.41 -26.45 16.38
N VAL A 388 -10.00 -25.31 15.81
CA VAL A 388 -8.58 -25.16 15.44
C VAL A 388 -7.79 -24.39 16.48
N ASN A 389 -6.53 -24.74 16.61
CA ASN A 389 -5.64 -24.12 17.57
C ASN A 389 -4.67 -23.21 16.79
N VAL A 390 -4.49 -22.02 17.34
CA VAL A 390 -3.53 -21.14 16.65
C VAL A 390 -2.50 -20.61 17.61
N ASN A 391 -1.26 -20.48 17.13
CA ASN A 391 -0.18 -19.95 17.95
C ASN A 391 0.15 -18.56 17.37
N LEU A 392 -0.06 -17.54 18.21
CA LEU A 392 0.18 -16.18 17.74
C LEU A 392 1.65 -15.85 17.78
N GLU A 393 2.09 -15.11 16.73
CA GLU A 393 3.49 -14.70 16.69
C GLU A 393 3.57 -13.25 16.18
N ASN A 394 4.23 -12.38 16.91
CA ASN A 394 4.42 -11.02 16.41
C ASN A 394 5.84 -10.88 15.87
N GLN A 395 6.04 -10.05 14.84
CA GLN A 395 7.31 -9.66 14.29
C GLN A 395 7.31 -8.16 13.93
N GLU A 396 8.47 -7.48 14.05
CA GLU A 396 8.45 -6.06 13.66
C GLU A 396 8.16 -5.93 12.17
N TRP A 397 7.60 -4.78 11.75
CA TRP A 397 7.19 -4.60 10.35
C TRP A 397 8.10 -5.05 9.23
N LYS A 398 9.35 -4.55 9.21
CA LYS A 398 10.29 -4.96 8.14
C LYS A 398 10.54 -6.46 8.08
N THR A 399 10.69 -7.09 9.25
CA THR A 399 10.92 -8.53 9.34
C THR A 399 9.70 -9.34 8.92
N PHE A 400 8.53 -8.88 9.33
CA PHE A 400 7.24 -9.49 8.96
C PHE A 400 7.03 -9.52 7.46
N LEU A 401 7.31 -8.44 6.73
CA LEU A 401 7.14 -8.44 5.27
C LEU A 401 8.12 -9.44 4.62
N ASP A 402 9.36 -9.47 5.10
CA ASP A 402 10.34 -10.41 4.59
C ASP A 402 9.94 -11.87 4.82
N THR A 403 9.41 -12.17 5.98
CA THR A 403 8.90 -13.53 6.25
C THR A 403 7.82 -13.94 5.26
N ARG A 404 6.89 -13.05 4.95
CA ARG A 404 5.84 -13.37 3.96
C ARG A 404 6.46 -13.64 2.60
N HIS A 405 7.37 -12.79 2.13
CA HIS A 405 8.05 -13.00 0.86
C HIS A 405 8.80 -14.33 0.85
N GLN A 406 9.44 -14.69 1.96
CA GLN A 406 10.17 -15.94 2.03
C GLN A 406 9.23 -17.15 2.05
N GLY A 407 7.98 -16.95 2.45
CA GLY A 407 7.05 -18.08 2.53
C GLY A 407 7.37 -18.85 3.81
N THR A 408 7.95 -18.18 4.86
CA THR A 408 8.22 -18.99 6.06
C THR A 408 7.13 -18.74 7.10
N PHE A 409 5.90 -19.11 6.68
CA PHE A 409 4.73 -18.90 7.48
C PHE A 409 3.57 -19.80 7.09
N ASP A 410 2.53 -19.75 7.90
CA ASP A 410 1.31 -20.51 7.75
C ASP A 410 0.20 -19.53 7.36
N VAL A 411 -0.27 -18.75 8.30
CA VAL A 411 -1.28 -17.73 8.08
C VAL A 411 -0.70 -16.41 8.62
N ALA A 412 -0.92 -15.29 7.93
CA ALA A 412 -0.46 -14.00 8.35
C ALA A 412 -1.51 -12.93 8.25
N ARG A 413 -1.60 -12.04 9.25
CA ARG A 413 -2.50 -10.89 9.14
C ARG A 413 -1.98 -10.08 7.93
N ALA A 414 -2.83 -9.36 7.21
CA ALA A 414 -2.40 -8.61 6.05
C ALA A 414 -3.35 -7.48 5.70
N GLY A 415 -2.76 -6.50 4.98
CA GLY A 415 -3.59 -5.39 4.51
C GLY A 415 -3.01 -4.96 3.17
N TRP A 416 -3.91 -4.71 2.23
CA TRP A 416 -3.47 -4.16 0.93
C TRP A 416 -4.26 -2.89 0.65
N CYS A 417 -3.56 -1.81 0.27
CA CYS A 417 -4.24 -0.57 -0.10
C CYS A 417 -3.90 -0.25 -1.55
N ALA A 418 -4.82 0.34 -2.28
CA ALA A 418 -4.61 0.62 -3.70
C ALA A 418 -3.43 1.53 -3.96
N ASP A 419 -2.74 1.31 -5.08
CA ASP A 419 -1.65 2.19 -5.51
C ASP A 419 -2.20 3.15 -6.56
N TYR A 420 -3.24 2.66 -7.24
CA TYR A 420 -3.95 3.49 -8.24
C TYR A 420 -5.40 3.04 -8.11
N ASN A 421 -6.34 3.96 -8.32
CA ASN A 421 -7.74 3.58 -8.14
C ASN A 421 -8.35 2.81 -9.30
N GLU A 422 -8.12 1.51 -9.37
CA GLU A 422 -8.65 0.69 -10.50
C GLU A 422 -8.49 -0.73 -9.99
N PRO A 423 -9.36 -1.68 -10.24
CA PRO A 423 -9.29 -3.01 -9.67
C PRO A 423 -8.03 -3.81 -9.84
N THR A 424 -7.28 -3.61 -10.92
CA THR A 424 -6.02 -4.37 -11.10
C THR A 424 -4.93 -3.92 -10.13
N SER A 425 -5.04 -2.79 -9.44
CA SER A 425 -4.09 -2.42 -8.38
C SER A 425 -4.13 -3.46 -7.26
N PHE A 426 -5.30 -4.08 -7.08
CA PHE A 426 -5.40 -5.25 -6.23
C PHE A 426 -5.16 -6.56 -6.99
N LEU A 427 -5.96 -6.82 -8.03
CA LEU A 427 -5.93 -8.12 -8.73
C LEU A 427 -4.58 -8.54 -9.31
N ASN A 428 -3.77 -7.59 -9.78
CA ASN A 428 -2.45 -7.98 -10.30
C ASN A 428 -1.50 -8.54 -9.25
N THR A 429 -1.70 -8.27 -7.96
CA THR A 429 -0.84 -8.85 -6.92
C THR A 429 -1.09 -10.35 -6.73
N MET A 430 -2.15 -10.91 -7.27
CA MET A 430 -2.42 -12.34 -7.16
C MET A 430 -2.05 -13.10 -8.45
N LEU A 431 -1.46 -12.43 -9.44
CA LEU A 431 -0.95 -13.16 -10.61
C LEU A 431 0.16 -14.11 -10.17
N SER A 432 0.26 -15.29 -10.80
CA SER A 432 1.26 -16.31 -10.47
C SER A 432 2.66 -15.77 -10.27
N ASP A 433 3.12 -14.91 -11.18
CA ASP A 433 4.47 -14.37 -11.13
C ASP A 433 4.62 -12.99 -10.54
N SER A 434 3.59 -12.49 -9.84
CA SER A 434 3.76 -11.13 -9.29
C SER A 434 4.77 -11.11 -8.16
N SER A 435 5.64 -10.11 -8.15
CA SER A 435 6.59 -9.88 -7.07
C SER A 435 5.86 -9.50 -5.78
N ASN A 436 4.58 -9.06 -5.86
CA ASN A 436 3.83 -8.71 -4.66
C ASN A 436 3.02 -9.91 -4.14
N ASN A 437 3.13 -11.09 -4.76
CA ASN A 437 2.30 -12.21 -4.38
C ASN A 437 2.89 -12.96 -3.18
N THR A 438 2.55 -12.47 -2.01
CA THR A 438 2.97 -13.09 -0.75
C THR A 438 2.01 -14.20 -0.35
N ALA A 439 0.87 -14.31 -1.04
CA ALA A 439 -0.07 -15.39 -0.75
C ALA A 439 0.49 -16.67 -1.38
N HIS A 440 1.38 -16.54 -2.34
CA HIS A 440 2.00 -17.64 -3.07
C HIS A 440 0.90 -18.44 -3.78
N TYR A 441 -0.07 -17.70 -4.29
CA TYR A 441 -1.20 -18.21 -5.04
C TYR A 441 -0.88 -18.26 -6.53
N LYS A 442 -1.12 -19.42 -7.15
CA LYS A 442 -0.82 -19.59 -8.58
C LYS A 442 -1.96 -20.31 -9.26
N SER A 443 -2.75 -19.55 -10.01
CA SER A 443 -3.92 -20.05 -10.72
C SER A 443 -3.87 -19.59 -12.16
N PRO A 444 -3.71 -20.56 -13.06
CA PRO A 444 -3.74 -20.29 -14.50
C PRO A 444 -5.07 -19.67 -14.88
N ALA A 445 -6.18 -20.14 -14.29
CA ALA A 445 -7.50 -19.57 -14.63
C ALA A 445 -7.59 -18.10 -14.21
N PHE A 446 -7.13 -17.80 -12.98
CA PHE A 446 -7.12 -16.38 -12.56
C PHE A 446 -6.24 -15.56 -13.47
N ASP A 447 -5.03 -16.03 -13.77
CA ASP A 447 -4.08 -15.30 -14.62
C ASP A 447 -4.68 -14.94 -15.98
N LYS A 448 -5.38 -15.93 -16.53
CA LYS A 448 -6.03 -15.76 -17.83
C LYS A 448 -7.09 -14.67 -17.80
N LEU A 449 -7.93 -14.67 -16.76
CA LEU A 449 -8.97 -13.67 -16.63
C LEU A 449 -8.40 -12.27 -16.64
N ILE A 450 -7.31 -12.03 -15.90
CA ILE A 450 -6.74 -10.67 -15.89
C ILE A 450 -6.05 -10.33 -17.20
N ALA A 451 -5.36 -11.26 -17.83
CA ALA A 451 -4.71 -11.07 -19.12
C ALA A 451 -5.75 -10.62 -20.16
N ASP A 452 -6.95 -11.20 -20.09
CA ASP A 452 -8.04 -10.87 -20.99
C ASP A 452 -8.57 -9.45 -20.84
N THR A 453 -8.43 -8.82 -19.69
CA THR A 453 -8.90 -7.48 -19.44
C THR A 453 -8.28 -6.44 -20.36
N LEU A 454 -7.07 -6.60 -20.87
CA LEU A 454 -6.52 -5.60 -21.78
C LEU A 454 -6.66 -6.09 -23.22
N LYS A 455 -7.40 -7.19 -23.41
CA LYS A 455 -7.62 -7.73 -24.75
C LYS A 455 -8.99 -7.36 -25.26
N VAL A 456 -9.78 -6.69 -24.43
CA VAL A 456 -11.08 -6.12 -24.77
C VAL A 456 -10.85 -4.60 -24.74
N ALA A 457 -11.65 -3.78 -25.41
CA ALA A 457 -11.44 -2.32 -25.34
C ALA A 457 -12.78 -1.76 -24.82
N ASP A 458 -13.29 -2.51 -23.84
CA ASP A 458 -14.63 -2.22 -23.30
C ASP A 458 -14.61 -2.23 -21.79
N ASP A 459 -15.10 -1.14 -21.18
CA ASP A 459 -15.09 -1.00 -19.73
C ASP A 459 -16.03 -1.98 -19.05
N THR A 460 -17.18 -2.31 -19.63
CA THR A 460 -18.08 -3.28 -19.00
C THR A 460 -17.53 -4.69 -19.10
N GLN A 461 -16.88 -5.01 -20.23
CA GLN A 461 -16.29 -6.36 -20.31
C GLN A 461 -15.15 -6.43 -19.27
N ARG A 462 -14.36 -5.35 -19.13
CA ARG A 462 -13.29 -5.39 -18.13
C ARG A 462 -13.86 -5.59 -16.71
N SER A 463 -14.88 -4.83 -16.34
CA SER A 463 -15.47 -4.97 -15.01
C SER A 463 -16.05 -6.34 -14.73
N GLU A 464 -16.65 -6.94 -15.77
CA GLU A 464 -17.20 -8.29 -15.65
C GLU A 464 -16.09 -9.31 -15.43
N LEU A 465 -14.96 -9.12 -16.10
CA LEU A 465 -13.77 -9.94 -15.94
C LEU A 465 -13.17 -9.73 -14.55
N TYR A 466 -13.16 -8.50 -14.03
CA TYR A 466 -12.62 -8.34 -12.66
C TYR A 466 -13.50 -9.11 -11.68
N ALA A 467 -14.82 -9.02 -11.87
CA ALA A 467 -15.77 -9.70 -11.01
C ALA A 467 -15.52 -11.21 -11.08
N LYS A 468 -15.33 -11.75 -12.29
CA LYS A 468 -15.04 -13.19 -12.44
C LYS A 468 -13.72 -13.58 -11.81
N ALA A 469 -12.70 -12.71 -11.92
CA ALA A 469 -11.41 -13.00 -11.25
C ALA A 469 -11.64 -13.02 -9.74
N GLU A 470 -12.46 -12.12 -9.16
CA GLU A 470 -12.68 -12.16 -7.72
C GLU A 470 -13.39 -13.47 -7.38
N GLN A 471 -14.37 -13.89 -8.19
CA GLN A 471 -15.03 -15.18 -7.96
C GLN A 471 -14.02 -16.33 -8.01
N GLN A 472 -13.08 -16.33 -8.95
CA GLN A 472 -12.10 -17.42 -9.00
C GLN A 472 -11.26 -17.44 -7.72
N LEU A 473 -10.85 -16.25 -7.29
CA LEU A 473 -10.06 -16.16 -6.03
C LEU A 473 -10.87 -16.70 -4.87
N ASP A 474 -12.14 -16.31 -4.74
CA ASP A 474 -13.06 -16.76 -3.72
C ASP A 474 -13.29 -18.28 -3.77
N LYS A 475 -13.55 -18.76 -4.98
CA LYS A 475 -13.71 -20.20 -5.23
C LYS A 475 -12.53 -20.96 -4.64
N ASP A 476 -11.31 -20.44 -4.88
CA ASP A 476 -10.11 -21.09 -4.35
C ASP A 476 -9.76 -20.74 -2.92
N SER A 477 -10.47 -19.81 -2.29
CA SER A 477 -10.20 -19.36 -0.95
C SER A 477 -8.71 -19.08 -0.81
N ALA A 478 -8.20 -18.22 -1.70
CA ALA A 478 -6.76 -17.88 -1.63
C ALA A 478 -6.46 -17.17 -0.32
N ILE A 479 -7.40 -16.35 0.13
CA ILE A 479 -7.27 -15.57 1.35
C ILE A 479 -8.51 -15.63 2.24
N VAL A 480 -8.43 -15.00 3.41
CA VAL A 480 -9.59 -14.83 4.27
C VAL A 480 -9.90 -13.34 4.38
N PRO A 481 -10.84 -12.83 3.61
CA PRO A 481 -11.26 -11.43 3.71
C PRO A 481 -11.87 -11.15 5.07
N VAL A 482 -11.42 -10.03 5.68
CA VAL A 482 -11.97 -9.69 7.00
C VAL A 482 -12.81 -8.43 6.90
N TYR A 483 -12.21 -7.28 6.55
CA TYR A 483 -13.06 -6.08 6.44
C TYR A 483 -12.46 -5.08 5.46
N TYR A 484 -13.29 -4.17 4.95
CA TYR A 484 -12.71 -3.07 4.14
C TYR A 484 -12.48 -1.95 5.14
N TYR A 485 -11.27 -1.36 5.09
CA TYR A 485 -10.94 -0.35 6.07
C TYR A 485 -11.65 0.99 5.86
N VAL A 486 -11.76 1.72 6.98
CA VAL A 486 -12.02 3.14 6.91
C VAL A 486 -10.69 3.79 7.32
N ASN A 487 -10.43 5.00 6.89
CA ASN A 487 -9.23 5.73 7.27
C ASN A 487 -9.51 6.54 8.53
N ALA A 488 -9.20 5.98 9.71
CA ALA A 488 -9.46 6.71 10.96
C ALA A 488 -8.17 7.12 11.63
N ARG A 489 -7.99 8.40 11.96
CA ARG A 489 -6.77 8.88 12.60
C ARG A 489 -7.11 10.17 13.35
N LEU A 490 -6.20 10.66 14.18
CA LEU A 490 -6.47 11.92 14.84
C LEU A 490 -5.58 12.96 14.19
N VAL A 491 -6.10 14.17 14.00
CA VAL A 491 -5.42 15.30 13.37
C VAL A 491 -5.70 16.55 14.20
N LYS A 492 -4.67 17.23 14.69
CA LYS A 492 -4.93 18.43 15.58
C LYS A 492 -5.72 19.44 14.77
N PRO A 493 -6.51 20.31 15.40
CA PRO A 493 -7.32 21.29 14.70
C PRO A 493 -6.52 22.33 13.96
N TRP A 494 -5.26 22.52 14.30
CA TRP A 494 -4.37 23.48 13.69
C TRP A 494 -3.63 22.92 12.47
N VAL A 495 -3.82 21.65 12.12
CA VAL A 495 -3.18 21.13 10.90
C VAL A 495 -4.11 21.41 9.72
N GLY A 496 -3.75 22.32 8.82
CA GLY A 496 -4.61 22.63 7.68
C GLY A 496 -4.18 21.83 6.44
N GLY A 497 -5.07 21.66 5.48
CA GLY A 497 -4.71 21.02 4.21
C GLY A 497 -5.01 19.54 4.08
N TYR A 498 -5.40 18.87 5.16
CA TYR A 498 -5.73 17.44 5.11
C TYR A 498 -7.26 17.31 4.95
N THR A 499 -7.70 17.11 3.72
CA THR A 499 -9.09 17.04 3.34
C THR A 499 -9.77 15.73 3.75
N GLY A 500 -9.05 14.62 3.61
CA GLY A 500 -9.60 13.28 3.87
C GLY A 500 -10.39 12.82 2.64
N LYS A 501 -10.34 13.57 1.55
CA LYS A 501 -11.03 13.23 0.32
C LYS A 501 -10.34 12.14 -0.50
N ASP A 502 -9.02 11.99 -0.36
CA ASP A 502 -8.30 10.97 -1.13
C ASP A 502 -8.48 9.59 -0.54
N PRO A 503 -9.13 8.68 -1.27
CA PRO A 503 -9.33 7.32 -0.79
C PRO A 503 -8.05 6.50 -0.79
N LEU A 504 -6.96 6.99 -1.37
CA LEU A 504 -5.68 6.32 -1.28
C LEU A 504 -4.80 6.90 -0.16
N ASP A 505 -5.21 8.04 0.42
CA ASP A 505 -4.49 8.70 1.49
C ASP A 505 -3.03 8.97 1.11
N ASN A 506 -2.85 9.54 -0.10
CA ASN A 506 -1.50 9.85 -0.62
C ASN A 506 -1.16 11.28 -0.17
N ILE A 507 -0.82 11.44 1.11
CA ILE A 507 -0.55 12.77 1.66
C ILE A 507 0.85 13.26 1.31
N TYR A 508 0.96 14.53 1.01
CA TYR A 508 2.21 15.20 0.76
C TYR A 508 2.32 16.30 1.85
N VAL A 509 3.37 16.33 2.65
CA VAL A 509 3.54 17.38 3.66
C VAL A 509 3.67 18.76 3.02
N LYS A 510 4.06 18.85 1.75
CA LYS A 510 4.13 20.11 1.02
C LYS A 510 2.76 20.79 0.90
N ASN A 511 1.68 20.05 1.06
CA ASN A 511 0.33 20.56 0.98
C ASN A 511 -0.26 20.99 2.32
N LEU A 512 0.43 20.75 3.41
CA LEU A 512 -0.16 21.07 4.73
C LEU A 512 0.35 22.43 5.24
N TYR A 513 -0.25 22.90 6.32
CA TYR A 513 0.16 24.16 6.95
C TYR A 513 -0.30 24.18 8.41
N ILE A 514 0.42 24.93 9.25
CA ILE A 514 0.06 25.01 10.67
C ILE A 514 -0.59 26.37 10.96
N ILE A 515 -1.84 26.28 11.41
CA ILE A 515 -2.64 27.46 11.73
C ILE A 515 -2.21 27.98 13.10
N LYS A 516 -2.09 29.29 13.28
CA LYS A 516 -1.72 29.86 14.56
C LYS A 516 -2.63 29.34 15.68
N HIS A 517 -2.05 28.87 16.77
CA HIS A 517 -2.87 28.39 17.87
C HIS A 517 -2.15 28.62 19.20
N LYS B 1 -0.05 -1.04 -2.07
CA LYS B 1 0.97 -1.03 -0.98
C LYS B 1 0.49 -1.77 0.25
N SER B 2 1.43 -2.33 1.00
CA SER B 2 1.13 -3.17 2.15
C SER B 2 0.80 -2.40 3.41
N LYS B 3 -0.23 -2.82 4.18
CA LYS B 3 -0.55 -1.98 5.33
C LYS B 3 -0.73 -2.83 6.61
#